data_9RPO
#
_entry.id   9RPO
#
_cell.length_a   53.14
_cell.length_b   53.14
_cell.length_c   376.576
_cell.angle_alpha   90
_cell.angle_beta   90
_cell.angle_gamma   120
#
_symmetry.space_group_name_H-M   'P 61 2 2'
#
loop_
_entity.id
_entity.type
_entity.pdbx_description
1 polymer '5-hydroxymethyl-dUMP N-hydrolase'
2 non-polymer 1-[4-[[(2~{E})-2-(4-chloranylcyclohexa-2,4-dien-1-ylidene)-1,3-dihydroimidazol-4-yl]carbonyl]piperazin-1-yl]-2,2-dimethyl-propan-1-one
3 water water
#
_entity_poly.entity_id   1
_entity_poly.type   'polypeptide(L)'
_entity_poly.pdbx_seq_one_letter_code
;MRPALYFCGSIRGGREDRTLYERIVSRLRRFGTVLTEHVAAAELGARGEEAAGGDRLIHEQDLEWLQQADVVVAEVTQPS
LGVGYELGRAVAFNKRILCLFRPQSGRVLSAMIRGAADGSRFQVWDYEEGEVEALLDRYFEADPLEENLYFQ
;
_entity_poly.pdbx_strand_id   A,B
#
loop_
_chem_comp.id
_chem_comp.type
_chem_comp.name
_chem_comp.formula
A1JH5 non-polymer 1-[4-[[(2~{E})-2-(4-chloranylcyclohexa-2,4-dien-1-ylidene)-1,3-dihydroimidazol-4-yl]carbonyl]piperazin-1-yl]-2,2-dimethyl-propan-1-one 'C19 H25 Cl N4 O2'
#
# COMPACT_ATOMS: atom_id res chain seq x y z
N ARG A 2 -17.39 -22.13 4.06
CA ARG A 2 -16.21 -21.87 3.24
C ARG A 2 -15.46 -20.60 3.64
N PRO A 3 -14.19 -20.73 4.08
CA PRO A 3 -13.39 -19.53 4.38
C PRO A 3 -13.18 -18.69 3.14
N ALA A 4 -13.20 -17.35 3.28
CA ALA A 4 -13.03 -16.46 2.15
C ALA A 4 -11.59 -15.92 2.11
N LEU A 5 -10.89 -16.15 1.00
CA LEU A 5 -9.51 -15.77 0.84
C LEU A 5 -9.38 -14.68 -0.19
N TYR A 6 -8.59 -13.67 0.12
CA TYR A 6 -8.36 -12.56 -0.78
C TYR A 6 -6.90 -12.64 -1.22
N PHE A 7 -6.63 -12.59 -2.52
CA PHE A 7 -5.26 -12.65 -3.01
C PHE A 7 -4.91 -11.42 -3.86
N CYS A 8 -3.74 -10.84 -3.64
CA CYS A 8 -3.27 -9.72 -4.45
C CYS A 8 -1.79 -9.80 -4.78
N GLY A 9 -1.40 -9.15 -5.87
CA GLY A 9 -0.01 -9.10 -6.34
C GLY A 9 0.13 -8.10 -7.48
N SER A 10 1.32 -7.52 -7.68
CA SER A 10 1.52 -6.58 -8.78
C SER A 10 1.30 -7.26 -10.14
N ILE A 11 0.67 -6.56 -11.08
CA ILE A 11 0.43 -7.11 -12.42
C ILE A 11 0.99 -6.16 -13.53
N GLU A 16 4.38 -14.30 -17.01
CA GLU A 16 5.55 -14.70 -16.22
C GLU A 16 5.24 -14.66 -14.70
N ASP A 17 4.84 -13.49 -14.17
CA ASP A 17 4.40 -13.41 -12.77
C ASP A 17 3.07 -14.19 -12.63
N ARG A 18 2.20 -14.10 -13.67
CA ARG A 18 0.91 -14.74 -13.80
C ARG A 18 0.95 -16.21 -13.49
N THR A 19 1.94 -16.96 -14.01
CA THR A 19 1.95 -18.42 -13.77
C THR A 19 2.32 -18.71 -12.31
N LEU A 20 3.18 -17.91 -11.68
CA LEU A 20 3.47 -18.11 -10.25
C LEU A 20 2.21 -17.77 -9.44
N TYR A 21 1.47 -16.73 -9.85
CA TYR A 21 0.24 -16.34 -9.15
C TYR A 21 -0.81 -17.42 -9.27
N GLU A 22 -0.89 -18.09 -10.43
CA GLU A 22 -1.81 -19.19 -10.68
C GLU A 22 -1.51 -20.42 -9.81
N ARG A 23 -0.22 -20.70 -9.55
CA ARG A 23 0.18 -21.78 -8.66
C ARG A 23 -0.28 -21.45 -7.23
N ILE A 24 -0.14 -20.16 -6.81
CA ILE A 24 -0.56 -19.72 -5.48
C ILE A 24 -2.07 -19.85 -5.32
N VAL A 25 -2.84 -19.30 -6.28
CA VAL A 25 -4.29 -19.35 -6.24
C VAL A 25 -4.81 -20.78 -6.35
N SER A 26 -4.12 -21.68 -7.07
CA SER A 26 -4.56 -23.08 -7.17
C SER A 26 -4.47 -23.73 -5.81
N ARG A 27 -3.39 -23.47 -5.07
CA ARG A 27 -3.24 -24.01 -3.73
C ARG A 27 -4.20 -23.37 -2.75
N LEU A 28 -4.42 -22.05 -2.85
CA LEU A 28 -5.36 -21.34 -1.97
C LEU A 28 -6.77 -21.91 -2.10
N ARG A 29 -7.20 -22.26 -3.34
CA ARG A 29 -8.52 -22.82 -3.64
C ARG A 29 -8.85 -24.09 -2.86
N ARG A 30 -7.83 -24.82 -2.39
CA ARG A 30 -8.09 -26.02 -1.60
C ARG A 30 -8.45 -25.71 -0.14
N PHE A 31 -8.31 -24.44 0.29
CA PHE A 31 -8.65 -24.01 1.65
C PHE A 31 -9.88 -23.08 1.73
N GLY A 32 -10.40 -22.63 0.60
CA GLY A 32 -11.57 -21.76 0.59
C GLY A 32 -11.79 -21.05 -0.72
N THR A 33 -12.81 -20.17 -0.77
CA THR A 33 -13.13 -19.40 -1.98
C THR A 33 -12.17 -18.23 -2.17
N VAL A 34 -11.59 -18.08 -3.37
CA VAL A 34 -10.69 -16.98 -3.67
C VAL A 34 -11.48 -15.86 -4.33
N LEU A 35 -11.75 -14.78 -3.56
CA LEU A 35 -12.57 -13.66 -3.98
C LEU A 35 -12.04 -12.88 -5.19
N THR A 36 -10.72 -12.80 -5.36
CA THR A 36 -10.13 -12.00 -6.44
C THR A 36 -9.89 -12.75 -7.80
N GLU A 37 -10.49 -13.95 -8.04
CA GLU A 37 -10.29 -14.67 -9.33
C GLU A 37 -10.91 -13.95 -10.53
N GLY A 54 -15.18 4.53 -13.07
CA GLY A 54 -14.39 3.45 -13.64
C GLY A 54 -13.40 2.86 -12.65
N ASP A 55 -12.36 3.65 -12.31
CA ASP A 55 -11.36 3.28 -11.30
C ASP A 55 -11.99 3.28 -9.90
N ARG A 56 -12.96 4.19 -9.65
CA ARG A 56 -13.72 4.26 -8.39
C ARG A 56 -14.50 2.95 -8.16
N LEU A 57 -15.05 2.37 -9.23
CA LEU A 57 -15.79 1.10 -9.18
C LEU A 57 -14.88 -0.05 -8.77
N ILE A 58 -13.64 -0.07 -9.32
CA ILE A 58 -12.63 -1.07 -8.98
C ILE A 58 -12.26 -0.97 -7.49
N HIS A 59 -12.03 0.26 -7.01
CA HIS A 59 -11.69 0.52 -5.61
C HIS A 59 -12.81 0.03 -4.68
N GLU A 60 -14.06 0.41 -4.96
CA GLU A 60 -15.21 0.00 -4.14
C GLU A 60 -15.42 -1.53 -4.14
N GLN A 61 -15.23 -2.19 -5.29
CA GLN A 61 -15.33 -3.64 -5.33
C GLN A 61 -14.19 -4.29 -4.53
N ASP A 62 -12.98 -3.71 -4.64
CA ASP A 62 -11.82 -4.21 -3.92
C ASP A 62 -12.02 -4.10 -2.41
N LEU A 63 -12.56 -2.97 -1.94
CA LEU A 63 -12.77 -2.76 -0.52
C LEU A 63 -13.86 -3.67 0.04
N GLU A 64 -14.87 -4.05 -0.78
CA GLU A 64 -15.92 -4.97 -0.36
C GLU A 64 -15.33 -6.37 -0.18
N TRP A 65 -14.43 -6.80 -1.06
CA TRP A 65 -13.79 -8.11 -0.94
C TRP A 65 -12.83 -8.17 0.25
N LEU A 66 -12.05 -7.13 0.43
CA LEU A 66 -11.12 -7.00 1.54
C LEU A 66 -11.85 -7.17 2.91
N GLN A 67 -13.05 -6.58 3.03
CA GLN A 67 -13.86 -6.62 4.26
C GLN A 67 -14.47 -8.02 4.53
N GLN A 68 -14.83 -8.75 3.47
CA GLN A 68 -15.39 -10.11 3.53
C GLN A 68 -14.34 -11.18 3.85
N ALA A 69 -13.09 -10.93 3.49
CA ALA A 69 -12.01 -11.89 3.66
C ALA A 69 -11.80 -12.36 5.10
N ASP A 70 -11.40 -13.61 5.24
CA ASP A 70 -11.00 -14.21 6.50
C ASP A 70 -9.44 -14.19 6.59
N VAL A 71 -8.74 -14.21 5.45
CA VAL A 71 -7.27 -14.11 5.38
C VAL A 71 -6.91 -13.38 4.08
N VAL A 72 -5.93 -12.49 4.15
CA VAL A 72 -5.49 -11.69 3.02
C VAL A 72 -4.12 -12.21 2.69
N VAL A 73 -3.93 -12.69 1.46
CA VAL A 73 -2.65 -13.21 0.97
C VAL A 73 -2.09 -12.26 -0.07
N ALA A 74 -0.85 -11.81 0.13
CA ALA A 74 -0.24 -10.87 -0.79
C ALA A 74 1.12 -11.34 -1.23
N GLU A 75 1.38 -11.29 -2.54
CA GLU A 75 2.72 -11.58 -3.06
C GLU A 75 3.37 -10.20 -3.15
N VAL A 76 4.38 -9.95 -2.31
CA VAL A 76 4.99 -8.64 -2.18
C VAL A 76 6.40 -8.50 -2.76
N THR A 77 6.77 -9.41 -3.67
CA THR A 77 8.08 -9.38 -4.31
C THR A 77 8.22 -8.16 -5.24
N GLN A 78 7.18 -7.84 -6.03
CA GLN A 78 7.25 -6.67 -6.92
C GLN A 78 6.63 -5.43 -6.25
N PRO A 79 7.30 -4.26 -6.27
CA PRO A 79 6.73 -3.07 -5.63
C PRO A 79 5.43 -2.65 -6.30
N SER A 80 4.38 -2.37 -5.50
CA SER A 80 3.10 -1.96 -6.04
C SER A 80 2.39 -1.03 -5.05
N LEU A 81 1.87 0.10 -5.53
CA LEU A 81 1.09 1.00 -4.69
C LEU A 81 -0.25 0.33 -4.30
N GLY A 82 -0.83 -0.42 -5.24
CA GLY A 82 -2.12 -1.09 -5.02
C GLY A 82 -2.01 -2.14 -3.94
N VAL A 83 -1.02 -3.04 -4.03
CA VAL A 83 -0.83 -4.08 -3.03
C VAL A 83 -0.57 -3.48 -1.65
N GLY A 84 0.29 -2.47 -1.58
CA GLY A 84 0.58 -1.79 -0.33
C GLY A 84 -0.69 -1.16 0.26
N TYR A 85 -1.50 -0.49 -0.59
CA TYR A 85 -2.74 0.15 -0.16
C TYR A 85 -3.69 -0.89 0.44
N GLU A 86 -3.81 -2.07 -0.25
CA GLU A 86 -4.65 -3.16 0.20
C GLU A 86 -4.18 -3.68 1.56
N LEU A 87 -2.88 -3.87 1.74
CA LEU A 87 -2.34 -4.33 3.04
C LEU A 87 -2.64 -3.34 4.17
N GLY A 88 -2.53 -2.04 3.89
CA GLY A 88 -2.80 -1.00 4.87
C GLY A 88 -4.26 -0.97 5.30
N ARG A 89 -5.18 -1.10 4.33
CA ARG A 89 -6.61 -1.13 4.62
C ARG A 89 -6.94 -2.44 5.40
N ALA A 90 -6.28 -3.58 5.05
CA ALA A 90 -6.48 -4.88 5.71
C ALA A 90 -6.01 -4.84 7.16
N VAL A 91 -4.88 -4.20 7.45
CA VAL A 91 -4.39 -4.08 8.82
C VAL A 91 -5.41 -3.27 9.68
N ALA A 92 -5.99 -2.20 9.11
CA ALA A 92 -6.95 -1.38 9.84
C ALA A 92 -8.27 -2.13 10.13
N PHE A 93 -8.60 -3.12 9.29
CA PHE A 93 -9.75 -4.01 9.48
C PHE A 93 -9.38 -5.21 10.37
N ASN A 94 -8.17 -5.26 10.96
CA ASN A 94 -7.75 -6.38 11.82
C ASN A 94 -7.75 -7.75 11.11
N LYS A 95 -7.46 -7.80 9.80
CA LYS A 95 -7.46 -9.07 9.08
C LYS A 95 -6.21 -9.89 9.36
N ARG A 96 -6.33 -11.22 9.21
CA ARG A 96 -5.21 -12.16 9.30
C ARG A 96 -4.53 -12.01 7.93
N ILE A 97 -3.23 -11.74 7.92
CA ILE A 97 -2.50 -11.43 6.69
C ILE A 97 -1.24 -12.27 6.55
N LEU A 98 -1.00 -12.75 5.34
CA LEU A 98 0.20 -13.47 4.98
C LEU A 98 0.84 -12.79 3.76
N CYS A 99 2.10 -12.33 3.90
CA CYS A 99 2.85 -11.78 2.79
C CYS A 99 3.93 -12.78 2.37
N LEU A 100 4.08 -12.97 1.05
CA LEU A 100 5.04 -13.90 0.44
C LEU A 100 6.05 -13.10 -0.36
N PHE A 101 7.33 -13.24 -0.02
CA PHE A 101 8.41 -12.49 -0.65
C PHE A 101 9.53 -13.43 -1.13
N ARG A 102 10.07 -13.21 -2.34
CA ARG A 102 11.18 -14.02 -2.85
C ARG A 102 12.51 -13.30 -2.77
N PRO A 103 13.39 -13.66 -1.82
CA PRO A 103 14.71 -12.99 -1.74
C PRO A 103 15.56 -13.21 -3.01
N GLN A 104 15.38 -14.33 -3.71
CA GLN A 104 16.09 -14.65 -4.95
C GLN A 104 15.75 -13.70 -6.12
N SER A 105 14.73 -12.82 -5.95
CA SER A 105 14.40 -11.79 -6.92
C SER A 105 15.51 -10.70 -6.98
N GLY A 106 16.40 -10.66 -5.97
CA GLY A 106 17.48 -9.68 -5.86
C GLY A 106 17.06 -8.39 -5.14
N ARG A 107 15.78 -8.26 -4.78
CA ARG A 107 15.23 -7.07 -4.13
C ARG A 107 15.32 -7.12 -2.61
N VAL A 108 15.20 -5.95 -1.99
CA VAL A 108 15.15 -5.87 -0.54
C VAL A 108 13.73 -5.43 -0.23
N LEU A 109 12.95 -6.27 0.49
CA LEU A 109 11.57 -5.94 0.82
C LEU A 109 11.47 -4.68 1.65
N SER A 110 10.53 -3.78 1.30
CA SER A 110 10.24 -2.54 2.04
C SER A 110 10.20 -2.77 3.55
N ALA A 111 10.92 -1.93 4.30
CA ALA A 111 10.97 -1.94 5.76
C ALA A 111 9.58 -1.77 6.37
N MET A 112 8.62 -1.14 5.64
CA MET A 112 7.26 -0.95 6.13
C MET A 112 6.46 -2.23 6.11
N ILE A 113 6.69 -3.08 5.10
CA ILE A 113 5.99 -4.36 5.03
C ILE A 113 6.66 -5.33 6.00
N ARG A 114 7.98 -5.43 5.93
CA ARG A 114 8.76 -6.29 6.82
C ARG A 114 8.52 -5.90 8.32
N GLY A 115 8.46 -4.60 8.58
CA GLY A 115 8.24 -4.06 9.92
C GLY A 115 6.80 -4.15 10.40
N ALA A 116 5.84 -4.40 9.51
CA ALA A 116 4.44 -4.52 9.92
C ALA A 116 4.15 -5.88 10.58
N ALA A 117 5.01 -6.89 10.34
CA ALA A 117 4.82 -8.23 10.86
C ALA A 117 4.94 -8.31 12.38
N ASP A 118 4.01 -9.05 12.99
CA ASP A 118 4.00 -9.32 14.43
C ASP A 118 4.23 -10.84 14.73
N GLY A 119 4.36 -11.66 13.67
CA GLY A 119 4.57 -13.09 13.80
C GLY A 119 3.33 -13.91 14.05
N SER A 120 2.16 -13.26 14.16
CA SER A 120 0.91 -13.98 14.38
C SER A 120 -0.19 -13.54 13.39
N ARG A 121 -0.84 -12.40 13.64
CA ARG A 121 -1.90 -11.89 12.78
C ARG A 121 -1.35 -11.37 11.44
N PHE A 122 -0.14 -10.79 11.43
CA PHE A 122 0.51 -10.31 10.20
C PHE A 122 1.84 -11.03 10.11
N GLN A 123 2.00 -11.89 9.11
CA GLN A 123 3.25 -12.62 8.91
C GLN A 123 3.88 -12.34 7.55
N VAL A 124 5.19 -12.24 7.51
CA VAL A 124 5.94 -12.03 6.27
C VAL A 124 6.84 -13.25 6.08
N TRP A 125 6.58 -14.08 5.06
CA TRP A 125 7.37 -15.29 4.83
C TRP A 125 8.23 -15.18 3.60
N ASP A 126 9.54 -15.40 3.76
CA ASP A 126 10.49 -15.46 2.64
C ASP A 126 10.36 -16.84 2.01
N TYR A 127 10.34 -16.92 0.66
CA TYR A 127 10.22 -18.22 0.00
C TYR A 127 10.95 -18.31 -1.34
N GLU A 128 11.21 -19.55 -1.76
CA GLU A 128 11.78 -19.89 -3.05
C GLU A 128 10.65 -20.42 -3.90
N GLU A 129 10.69 -20.15 -5.21
CA GLU A 129 9.67 -20.57 -6.17
C GLU A 129 9.08 -21.99 -5.96
N GLY A 130 9.95 -22.97 -5.72
CA GLY A 130 9.55 -24.37 -5.59
C GLY A 130 8.77 -24.74 -4.34
N GLU A 131 8.89 -23.95 -3.26
CA GLU A 131 8.21 -24.31 -2.02
C GLU A 131 6.83 -23.69 -1.85
N VAL A 132 6.29 -23.01 -2.86
CA VAL A 132 4.95 -22.38 -2.82
C VAL A 132 3.87 -23.26 -2.17
N GLU A 133 3.71 -24.49 -2.66
CA GLU A 133 2.66 -25.39 -2.19
C GLU A 133 2.87 -25.94 -0.79
N ALA A 134 4.10 -26.31 -0.44
CA ALA A 134 4.39 -26.81 0.90
C ALA A 134 4.19 -25.69 1.93
N LEU A 135 4.58 -24.46 1.59
CA LEU A 135 4.40 -23.31 2.49
C LEU A 135 2.95 -22.96 2.75
N LEU A 136 2.14 -22.91 1.70
CA LEU A 136 0.72 -22.64 1.83
C LEU A 136 0.05 -23.79 2.61
N ASP A 137 0.49 -25.06 2.41
CA ASP A 137 -0.04 -26.19 3.17
C ASP A 137 0.28 -26.01 4.67
N ARG A 138 1.52 -25.62 4.99
CA ARG A 138 1.97 -25.42 6.36
C ARG A 138 1.21 -24.27 7.07
N TYR A 139 0.92 -23.18 6.35
CA TYR A 139 0.19 -22.04 6.92
C TYR A 139 -1.26 -22.42 7.23
N PHE A 140 -1.94 -23.07 6.27
CA PHE A 140 -3.33 -23.44 6.44
C PHE A 140 -3.54 -24.78 7.17
N GLU A 141 -2.46 -25.43 7.65
CA GLU A 141 -2.62 -26.63 8.48
C GLU A 141 -2.39 -26.24 9.99
N ALA A 142 -2.59 -24.96 10.35
CA ALA A 142 -2.40 -24.38 11.69
C ALA A 142 -3.44 -23.29 11.96
N MET B 1 -5.24 27.26 12.75
CA MET B 1 -4.54 26.05 13.14
C MET B 1 -3.39 25.76 12.19
N ARG B 2 -2.22 25.41 12.75
CA ARG B 2 -1.07 25.08 11.90
C ARG B 2 -0.97 23.57 11.75
N PRO B 3 -1.25 23.08 10.53
CA PRO B 3 -1.31 21.63 10.35
C PRO B 3 0.03 20.92 10.48
N ALA B 4 -0.02 19.69 11.00
CA ALA B 4 1.14 18.80 11.07
C ALA B 4 1.12 18.08 9.72
N LEU B 5 2.26 18.05 9.06
CA LEU B 5 2.33 17.48 7.73
C LEU B 5 3.20 16.23 7.67
N TYR B 6 2.75 15.27 6.88
CA TYR B 6 3.49 14.02 6.72
C TYR B 6 3.76 13.87 5.23
N PHE B 7 5.01 13.64 4.83
CA PHE B 7 5.33 13.44 3.43
C PHE B 7 5.99 12.07 3.16
N CYS B 8 5.58 11.40 2.09
CA CYS B 8 6.20 10.13 1.70
C CYS B 8 6.38 9.98 0.18
N GLY B 9 7.31 9.15 -0.22
CA GLY B 9 7.60 8.89 -1.63
C GLY B 9 8.56 7.74 -1.82
N THR B 19 15.82 15.28 -5.28
CA THR B 19 15.79 16.72 -5.36
C THR B 19 14.37 17.24 -5.64
N LEU B 20 13.53 16.45 -6.35
CA LEU B 20 12.13 16.83 -6.53
C LEU B 20 11.42 16.74 -5.16
N TYR B 21 11.78 15.73 -4.33
CA TYR B 21 11.20 15.57 -3.00
C TYR B 21 11.57 16.76 -2.11
N GLU B 22 12.80 17.26 -2.23
CA GLU B 22 13.28 18.42 -1.47
C GLU B 22 12.54 19.71 -1.84
N ARG B 23 12.19 19.87 -3.12
CA ARG B 23 11.37 21.01 -3.57
C ARG B 23 10.00 20.92 -2.93
N ILE B 24 9.40 19.71 -2.87
CA ILE B 24 8.08 19.49 -2.28
C ILE B 24 8.11 19.80 -0.78
N VAL B 25 9.06 19.22 -0.05
CA VAL B 25 9.17 19.43 1.39
C VAL B 25 9.51 20.89 1.72
N SER B 26 10.30 21.60 0.86
CA SER B 26 10.59 23.00 1.13
C SER B 26 9.32 23.84 1.06
N ARG B 27 8.44 23.55 0.09
CA ARG B 27 7.18 24.26 -0.01
C ARG B 27 6.22 23.88 1.10
N LEU B 28 6.19 22.58 1.49
CA LEU B 28 5.32 22.12 2.59
C LEU B 28 5.67 22.83 3.90
N ARG B 29 6.99 23.06 4.15
CA ARG B 29 7.50 23.71 5.37
C ARG B 29 6.89 25.10 5.62
N ARG B 30 6.41 25.77 4.56
CA ARG B 30 5.80 27.08 4.72
C ARG B 30 4.38 27.00 5.27
N PHE B 31 3.76 25.79 5.32
CA PHE B 31 2.40 25.61 5.82
C PHE B 31 2.31 24.85 7.15
N GLY B 32 3.37 24.19 7.58
CA GLY B 32 3.33 23.44 8.83
C GLY B 32 4.57 22.64 9.09
N THR B 33 4.63 21.96 10.24
CA THR B 33 5.80 21.13 10.55
C THR B 33 5.80 19.85 9.71
N VAL B 34 6.93 19.51 9.06
CA VAL B 34 7.01 18.30 8.27
C VAL B 34 7.64 17.20 9.12
N LEU B 35 6.82 16.25 9.57
CA LEU B 35 7.23 15.18 10.48
C LEU B 35 8.29 14.22 9.91
N THR B 36 8.28 13.96 8.60
CA THR B 36 9.20 13.00 7.99
C THR B 36 10.55 13.60 7.53
N GLY B 54 16.03 -1.52 13.30
CA GLY B 54 15.04 -2.58 13.19
C GLY B 54 13.94 -2.13 12.26
N ASP B 55 13.46 -3.06 11.41
CA ASP B 55 12.39 -2.73 10.48
C ASP B 55 11.09 -2.46 11.26
N ARG B 56 10.87 -3.19 12.37
CA ARG B 56 9.72 -3.00 13.25
C ARG B 56 9.76 -1.58 13.87
N LEU B 57 10.96 -1.09 14.22
CA LEU B 57 11.15 0.25 14.78
C LEU B 57 10.78 1.33 13.78
N ILE B 58 11.17 1.14 12.51
CA ILE B 58 10.84 2.05 11.41
C ILE B 58 9.31 2.11 11.23
N HIS B 59 8.66 0.94 11.20
CA HIS B 59 7.20 0.84 11.06
C HIS B 59 6.49 1.57 12.21
N GLU B 60 6.90 1.30 13.46
CA GLU B 60 6.29 1.94 14.63
C GLU B 60 6.48 3.46 14.64
N GLN B 61 7.67 3.93 14.26
CA GLN B 61 7.90 5.38 14.17
C GLN B 61 7.04 5.99 13.07
N ASP B 62 6.92 5.30 11.94
CA ASP B 62 6.13 5.74 10.82
C ASP B 62 4.65 5.86 11.20
N LEU B 63 4.12 4.87 11.92
CA LEU B 63 2.72 4.87 12.30
C LEU B 63 2.42 5.95 13.33
N GLU B 64 3.40 6.30 14.20
CA GLU B 64 3.23 7.38 15.17
C GLU B 64 3.12 8.73 14.44
N TRP B 65 3.94 8.93 13.39
CA TRP B 65 3.87 10.18 12.62
C TRP B 65 2.60 10.29 11.80
N LEU B 66 2.21 9.20 11.16
CA LEU B 66 0.98 9.13 10.38
C LEU B 66 -0.27 9.54 11.23
N GLN B 67 -0.30 9.10 12.50
CA GLN B 67 -1.40 9.37 13.42
C GLN B 67 -1.46 10.84 13.87
N GLN B 68 -0.29 11.48 14.04
CA GLN B 68 -0.14 12.88 14.44
C GLN B 68 -0.46 13.84 13.28
N ALA B 69 -0.26 13.40 12.04
CA ALA B 69 -0.44 14.25 10.87
C ALA B 69 -1.88 14.72 10.65
N ASP B 70 -2.05 15.97 10.18
CA ASP B 70 -3.33 16.55 9.78
C ASP B 70 -3.55 16.39 8.27
N VAL B 71 -2.45 16.41 7.49
CA VAL B 71 -2.55 16.15 6.05
C VAL B 71 -1.37 15.24 5.67
N VAL B 72 -1.67 14.24 4.83
CA VAL B 72 -0.69 13.27 4.38
C VAL B 72 -0.46 13.59 2.91
N VAL B 73 0.79 13.85 2.54
CA VAL B 73 1.17 14.17 1.16
C VAL B 73 2.02 13.03 0.63
N ALA B 74 1.66 12.49 -0.53
CA ALA B 74 2.38 11.38 -1.11
C ALA B 74 2.71 11.64 -2.54
N GLU B 75 3.96 11.40 -2.93
CA GLU B 75 4.36 11.46 -4.32
C GLU B 75 4.22 9.99 -4.81
N VAL B 76 3.25 9.75 -5.70
CA VAL B 76 2.88 8.40 -6.13
C VAL B 76 3.27 8.04 -7.55
N THR B 77 4.24 8.76 -8.12
CA THR B 77 4.71 8.50 -9.48
C THR B 77 5.46 7.17 -9.56
N GLN B 78 6.33 6.87 -8.59
CA GLN B 78 7.07 5.61 -8.58
C GLN B 78 6.31 4.53 -7.76
N PRO B 79 6.15 3.31 -8.28
CA PRO B 79 5.43 2.26 -7.51
C PRO B 79 6.16 1.94 -6.21
N SER B 80 5.42 1.83 -5.10
CA SER B 80 6.03 1.53 -3.81
C SER B 80 5.03 0.83 -2.88
N LEU B 81 5.46 -0.28 -2.26
CA LEU B 81 4.62 -0.96 -1.27
C LEU B 81 4.50 -0.09 0.01
N GLY B 82 5.59 0.58 0.39
CA GLY B 82 5.62 1.44 1.56
C GLY B 82 4.66 2.60 1.46
N VAL B 83 4.75 3.36 0.36
CA VAL B 83 3.86 4.49 0.14
C VAL B 83 2.39 4.05 0.09
N GLY B 84 2.10 2.96 -0.61
CA GLY B 84 0.75 2.44 -0.69
C GLY B 84 0.23 2.04 0.68
N TYR B 85 1.08 1.35 1.49
CA TYR B 85 0.73 0.93 2.84
C TYR B 85 0.39 2.14 3.70
N GLU B 86 1.21 3.21 3.60
CA GLU B 86 0.99 4.46 4.34
C GLU B 86 -0.33 5.11 3.95
N LEU B 87 -0.66 5.16 2.65
CA LEU B 87 -1.93 5.73 2.20
C LEU B 87 -3.13 4.92 2.73
N GLY B 88 -3.01 3.60 2.77
CA GLY B 88 -4.08 2.74 3.28
C GLY B 88 -4.32 2.94 4.76
N ARG B 89 -3.25 3.00 5.56
CA ARG B 89 -3.36 3.27 6.99
C ARG B 89 -3.94 4.68 7.24
N ALA B 90 -3.52 5.68 6.43
CA ALA B 90 -3.98 7.07 6.51
C ALA B 90 -5.46 7.21 6.19
N VAL B 91 -5.97 6.49 5.17
CA VAL B 91 -7.40 6.49 4.84
C VAL B 91 -8.22 5.94 6.02
N ALA B 92 -7.71 4.89 6.69
CA ALA B 92 -8.43 4.30 7.82
C ALA B 92 -8.50 5.25 9.04
N PHE B 93 -7.53 6.14 9.18
CA PHE B 93 -7.50 7.18 10.21
C PHE B 93 -8.25 8.45 9.74
N ASN B 94 -8.90 8.42 8.54
CA ASN B 94 -9.67 9.52 7.97
CA ASN B 94 -9.64 9.50 7.87
C ASN B 94 -8.83 10.79 7.77
N LYS B 95 -7.52 10.68 7.43
CA LYS B 95 -6.69 11.88 7.26
C LYS B 95 -6.99 12.57 5.94
N ARG B 96 -6.75 13.88 5.84
CA ARG B 96 -6.77 14.58 4.55
C ARG B 96 -5.55 14.07 3.81
N ILE B 97 -5.73 13.70 2.55
CA ILE B 97 -4.66 13.13 1.77
C ILE B 97 -4.56 13.81 0.42
N LEU B 98 -3.33 14.10 0.00
CA LEU B 98 -3.04 14.64 -1.31
C LEU B 98 -1.99 13.76 -1.98
N CYS B 99 -2.34 13.18 -3.14
CA CYS B 99 -1.39 12.39 -3.93
C CYS B 99 -0.99 13.19 -5.16
N LEU B 100 0.33 13.18 -5.47
CA LEU B 100 0.91 13.91 -6.58
C LEU B 100 1.50 12.90 -7.56
N PHE B 101 1.02 12.94 -8.81
CA PHE B 101 1.43 12.02 -9.84
C PHE B 101 1.89 12.75 -11.12
N ARG B 102 3.01 12.30 -11.74
CA ARG B 102 3.48 12.91 -12.97
C ARG B 102 3.17 12.05 -14.19
N PRO B 103 2.18 12.44 -15.01
CA PRO B 103 1.89 11.65 -16.23
C PRO B 103 3.07 11.58 -17.21
N GLN B 104 3.91 12.64 -17.24
CA GLN B 104 5.10 12.68 -18.11
C GLN B 104 6.17 11.63 -17.76
N SER B 105 6.01 10.91 -16.65
CA SER B 105 6.86 9.79 -16.27
C SER B 105 6.66 8.59 -17.24
N GLY B 106 5.58 8.58 -18.01
CA GLY B 106 5.24 7.50 -18.93
C GLY B 106 4.43 6.38 -18.29
N ARG B 107 4.18 6.46 -16.97
CA ARG B 107 3.45 5.44 -16.22
C ARG B 107 1.95 5.70 -16.16
N VAL B 108 1.16 4.66 -15.87
CA VAL B 108 -0.26 4.81 -15.64
C VAL B 108 -0.46 4.53 -14.15
N LEU B 109 -0.97 5.52 -13.41
CA LEU B 109 -1.17 5.39 -11.97
C LEU B 109 -2.13 4.26 -11.64
N SER B 110 -1.80 3.44 -10.60
CA SER B 110 -2.61 2.35 -10.09
C SER B 110 -4.09 2.76 -9.93
N ALA B 111 -5.01 1.93 -10.46
CA ALA B 111 -6.46 2.14 -10.36
C ALA B 111 -6.93 2.20 -8.91
N MET B 112 -6.19 1.61 -7.97
CA MET B 112 -6.54 1.64 -6.54
C MET B 112 -6.27 3.00 -5.93
N ILE B 113 -5.21 3.69 -6.37
CA ILE B 113 -4.91 5.01 -5.88
C ILE B 113 -5.82 6.01 -6.56
N ARG B 114 -5.89 5.95 -7.88
CA ARG B 114 -6.75 6.80 -8.68
C ARG B 114 -8.25 6.65 -8.26
N GLY B 115 -8.67 5.42 -7.98
CA GLY B 115 -10.02 5.10 -7.56
C GLY B 115 -10.33 5.42 -6.11
N ALA B 116 -9.31 5.66 -5.28
CA ALA B 116 -9.53 6.00 -3.87
C ALA B 116 -9.96 7.47 -3.70
N ALA B 117 -9.70 8.33 -4.70
CA ALA B 117 -10.01 9.74 -4.62
C ALA B 117 -11.52 10.02 -4.60
N ASP B 118 -11.93 10.93 -3.71
CA ASP B 118 -13.31 11.40 -3.59
C ASP B 118 -13.42 12.93 -3.99
N GLY B 119 -12.29 13.56 -4.33
CA GLY B 119 -12.24 14.97 -4.71
C GLY B 119 -12.25 15.95 -3.56
N SER B 120 -12.33 15.45 -2.31
CA SER B 120 -12.31 16.31 -1.13
C SER B 120 -11.27 15.87 -0.08
N ARG B 121 -11.55 14.84 0.73
CA ARG B 121 -10.61 14.39 1.73
C ARG B 121 -9.45 13.58 1.12
N PHE B 122 -9.67 12.89 0.00
CA PHE B 122 -8.61 12.17 -0.70
C PHE B 122 -8.57 12.72 -2.12
N GLN B 123 -7.49 13.41 -2.48
CA GLN B 123 -7.36 13.96 -3.83
C GLN B 123 -6.12 13.45 -4.54
N VAL B 124 -6.24 13.19 -5.84
CA VAL B 124 -5.14 12.74 -6.67
C VAL B 124 -4.92 13.80 -7.74
N TRP B 125 -3.79 14.53 -7.68
CA TRP B 125 -3.52 15.60 -8.63
C TRP B 125 -2.41 15.23 -9.59
N ASP B 126 -2.68 15.32 -10.90
CA ASP B 126 -1.68 15.12 -11.96
C ASP B 126 -0.88 16.41 -12.07
N TYR B 127 0.46 16.32 -12.16
CA TYR B 127 1.26 17.52 -12.27
C TYR B 127 2.52 17.37 -13.13
N GLU B 128 3.06 18.52 -13.55
CA GLU B 128 4.31 18.62 -14.31
C GLU B 128 5.35 19.12 -13.32
N GLU B 129 6.59 18.68 -13.47
CA GLU B 129 7.70 19.07 -12.59
C GLU B 129 7.75 20.55 -12.18
N GLY B 130 7.53 21.46 -13.12
CA GLY B 130 7.63 22.88 -12.87
C GLY B 130 6.53 23.52 -12.05
N GLU B 131 5.35 22.87 -11.95
CA GLU B 131 4.25 23.48 -11.21
C GLU B 131 4.14 23.02 -9.75
N VAL B 132 5.13 22.27 -9.22
CA VAL B 132 5.17 21.80 -7.82
C VAL B 132 4.75 22.88 -6.80
N GLU B 133 5.40 24.04 -6.85
CA GLU B 133 5.16 25.11 -5.88
C GLU B 133 3.83 25.81 -6.02
N ALA B 134 3.39 26.08 -7.25
CA ALA B 134 2.10 26.72 -7.48
C ALA B 134 0.97 25.79 -7.05
N LEU B 135 1.11 24.47 -7.29
CA LEU B 135 0.11 23.48 -6.89
C LEU B 135 -0.03 23.34 -5.38
N LEU B 136 1.10 23.24 -4.68
CA LEU B 136 1.08 23.16 -3.22
C LEU B 136 0.52 24.48 -2.64
N ASP B 137 0.83 25.65 -3.27
CA ASP B 137 0.27 26.92 -2.83
C ASP B 137 -1.26 26.91 -2.97
N ARG B 138 -1.77 26.41 -4.11
CA ARG B 138 -3.19 26.34 -4.40
C ARG B 138 -3.94 25.39 -3.43
N TYR B 139 -3.33 24.26 -3.06
CA TYR B 139 -3.94 23.31 -2.14
C TYR B 139 -4.05 23.91 -0.73
N PHE B 140 -2.95 24.49 -0.24
CA PHE B 140 -2.94 25.05 1.10
C PHE B 140 -3.43 26.50 1.14
C1 A1JH5 C . -5.65 -14.00 -10.53
C2 A1JH5 C . -6.59 -13.40 -11.59
C3 A1JH5 C . -6.47 -14.45 -9.32
C7 A1JH5 C . -5.95 -9.85 -9.22
C8 A1JH5 C . -6.02 -11.33 -8.93
C9 A1JH5 C . -4.83 -8.26 -7.61
C10 A1JH5 C . -6.13 -7.75 -7.12
C11 A1JH5 C . -6.63 -7.37 -5.90
C12 A1JH5 C . -8.15 -6.82 -7.31
C13 A1JH5 C . -9.40 -6.34 -7.91
C14 A1JH5 C . -10.27 -5.54 -7.17
C15 A1JH5 C . -11.45 -5.09 -7.71
C16 A1JH5 C . -11.79 -5.45 -9.00
CL A1JH5 C . -13.28 -4.87 -9.69
C17 A1JH5 C . -10.94 -6.22 -9.77
C18 A1JH5 C . -9.76 -6.68 -9.22
N2 A1JH5 C . -7.88 -6.82 -6.01
N3 A1JH5 C . -7.10 -7.35 -8.02
O1 A1JH5 C . -3.81 -7.79 -7.15
N1 A1JH5 C . -4.80 -9.25 -8.52
C6 A1JH5 C . -3.53 -9.90 -8.90
C5 A1JH5 C . -3.60 -11.39 -8.59
N A1JH5 C . -4.75 -11.99 -9.29
C4 A1JH5 C . -4.53 -12.99 -10.17
O A1JH5 C . -3.44 -13.11 -10.70
C A1JH5 C . -5.03 -15.27 -11.14
C1 A1JH5 D . 12.67 13.93 2.95
C2 A1JH5 D . 13.90 13.34 3.67
C3 A1JH5 D . 11.70 14.47 4.00
C7 A1JH5 D . 10.81 10.25 4.03
C8 A1JH5 D . 10.62 11.71 3.65
C9 A1JH5 D . 9.29 8.44 3.18
C10 A1JH5 D . 8.95 8.03 4.56
C11 A1JH5 D . 7.80 7.83 5.29
C12 A1JH5 D . 9.39 7.28 6.60
C13 A1JH5 D . 10.16 6.86 7.80
C14 A1JH5 D . 9.49 6.41 8.93
C15 A1JH5 D . 10.19 6.05 10.07
C16 A1JH5 D . 11.57 6.18 10.08
CL A1JH5 D . 12.45 5.77 11.52
C17 A1JH5 D . 12.26 6.63 8.97
C18 A1JH5 D . 11.54 6.98 7.83
N2 A1JH5 D . 8.08 7.38 6.55
N3 A1JH5 D . 9.96 7.67 5.42
O1 A1JH5 D . 8.67 7.97 2.24
N1 A1JH5 D . 10.25 9.37 2.99
C6 A1JH5 D . 10.79 9.64 1.65
C5 A1JH5 D . 10.57 11.10 1.29
N A1JH5 D . 11.18 11.97 2.30
C4 A1JH5 D . 12.11 12.87 1.94
O A1JH5 D . 12.55 12.88 0.81
C A1JH5 D . 13.15 15.13 2.14
#